data_7FFP
#
_entry.id   7FFP
#
_cell.length_a   82.666
_cell.length_b   42.150
_cell.length_c   75.680
_cell.angle_alpha   90.000
_cell.angle_beta   118.240
_cell.angle_gamma   90.000
#
_symmetry.space_group_name_H-M   'C 1 2 1'
#
loop_
_entity.id
_entity.type
_entity.pdbx_description
1 polymer 'Alpha-aspartyl dipeptidase'
2 non-polymer 'ASPARTIC ACID'
3 non-polymer 'CALCIUM ION'
4 water water
#
_entity_poly.entity_id   1
_entity_poly.type   'polypeptide(L)'
_entity_poly.pdbx_seq_one_letter_code
;MMTMRRHLLLVSNSTLHGGGYLEHCQEHILKFLGAQVKRVLFIPYALHDRDAYAKTARQKFEALGYGLDSVHESPDPVDA
VKKAEAIFIGGGNTFRLLKALYDNDLIAAIRKRVLEDGVPYIGSSAGTNVATISINTTNDMPIVYPPSLKALELVPFNIN
PHYLDPDGNSKHMGETREQRITQYHEEHDTPPVLGLREGCFLLVEGDKATLLGITRARLFLRGKNPTEHEPGHDFSFLLG
HS
;
_entity_poly.pdbx_strand_id   A
#
# COMPACT_ATOMS: atom_id res chain seq x y z
N MET A 1 6.29 2.07 21.33
CA MET A 1 6.51 2.84 20.11
C MET A 1 6.81 1.93 18.92
N MET A 2 7.19 2.54 17.78
CA MET A 2 7.35 1.84 16.52
C MET A 2 8.79 1.47 16.20
N THR A 3 9.76 1.89 17.02
CA THR A 3 11.15 2.06 16.54
C THR A 3 11.74 0.77 16.00
N MET A 4 11.49 -0.36 16.65
CA MET A 4 12.04 -1.63 16.21
C MET A 4 10.96 -2.64 15.86
N ARG A 5 9.75 -2.16 15.60
CA ARG A 5 8.61 -3.05 15.39
C ARG A 5 8.01 -2.94 13.99
N ARG A 6 8.00 -1.75 13.41
CA ARG A 6 7.26 -1.50 12.17
C ARG A 6 8.12 -1.78 10.96
N HIS A 7 7.66 -2.68 10.08
CA HIS A 7 8.33 -3.00 8.82
C HIS A 7 7.30 -2.96 7.70
N LEU A 8 7.40 -1.96 6.83
CA LEU A 8 6.48 -1.82 5.71
C LEU A 8 7.23 -1.61 4.41
N LEU A 9 6.72 -2.23 3.34
CA LEU A 9 7.15 -1.95 1.97
C LEU A 9 5.89 -1.58 1.21
N LEU A 10 5.76 -0.31 0.86
CA LEU A 10 4.54 0.28 0.32
C LEU A 10 4.80 0.60 -1.15
N VAL A 11 4.35 -0.28 -2.02
CA VAL A 11 4.59 -0.17 -3.46
C VAL A 11 3.43 0.61 -4.08
N SER A 12 3.75 1.45 -5.07
CA SER A 12 2.71 2.25 -5.73
C SER A 12 1.90 1.43 -6.73
N ASN A 13 2.54 0.49 -7.43
CA ASN A 13 1.93 -0.23 -8.54
C ASN A 13 2.71 -1.53 -8.72
N SER A 14 2.01 -2.58 -9.15
CA SER A 14 2.64 -3.90 -9.17
C SER A 14 3.53 -4.09 -10.39
N THR A 15 3.22 -3.44 -11.52
CA THR A 15 3.79 -3.85 -12.80
C THR A 15 4.16 -2.64 -13.64
N LEU A 16 5.40 -2.63 -14.14
CA LEU A 16 5.79 -1.70 -15.18
C LEU A 16 5.28 -2.17 -16.53
N HIS A 17 4.88 -1.22 -17.38
CA HIS A 17 4.42 -1.57 -18.72
C HIS A 17 5.46 -2.42 -19.43
N GLY A 18 5.00 -3.54 -20.01
CA GLY A 18 5.89 -4.47 -20.66
C GLY A 18 6.63 -5.41 -19.72
N GLY A 19 6.55 -5.21 -18.40
CA GLY A 19 7.26 -6.02 -17.45
C GLY A 19 6.36 -7.03 -16.75
N GLY A 20 6.98 -7.79 -15.84
CA GLY A 20 6.27 -8.83 -15.13
C GLY A 20 5.68 -8.34 -13.81
N TYR A 21 4.70 -9.11 -13.31
CA TYR A 21 4.08 -8.83 -12.03
C TYR A 21 5.12 -8.77 -10.90
N LEU A 22 5.21 -7.60 -10.26
CA LEU A 22 6.15 -7.29 -9.18
C LEU A 22 7.61 -7.35 -9.61
N GLU A 23 7.88 -7.35 -10.92
CA GLU A 23 9.27 -7.44 -11.38
C GLU A 23 10.09 -6.23 -10.95
N HIS A 24 9.54 -5.03 -11.09
CA HIS A 24 10.33 -3.83 -10.85
C HIS A 24 10.72 -3.66 -9.39
N CYS A 25 10.07 -4.37 -8.48
CA CYS A 25 10.35 -4.26 -7.05
C CYS A 25 10.78 -5.59 -6.44
N GLN A 26 11.03 -6.61 -7.26
CA GLN A 26 11.28 -7.94 -6.75
C GLN A 26 12.53 -8.02 -5.88
N GLU A 27 13.56 -7.23 -6.19
N GLU A 27 13.58 -7.25 -6.20
CA GLU A 27 14.77 -7.25 -5.37
CA GLU A 27 14.76 -7.27 -5.34
C GLU A 27 14.51 -6.62 -4.00
C GLU A 27 14.46 -6.67 -3.97
N HIS A 28 13.65 -5.61 -3.94
CA HIS A 28 13.31 -4.98 -2.68
C HIS A 28 12.40 -5.87 -1.84
N ILE A 29 11.50 -6.62 -2.48
CA ILE A 29 10.71 -7.61 -1.75
C ILE A 29 11.64 -8.62 -1.07
N LEU A 30 12.66 -9.07 -1.80
CA LEU A 30 13.56 -10.10 -1.26
C LEU A 30 14.33 -9.58 -0.05
N LYS A 31 14.91 -8.39 -0.16
CA LYS A 31 15.60 -7.77 0.97
C LYS A 31 14.66 -7.54 2.15
N PHE A 32 13.44 -7.11 1.85
CA PHE A 32 12.48 -6.75 2.90
C PHE A 32 12.03 -7.96 3.69
N LEU A 33 11.66 -9.04 3.01
CA LEU A 33 11.19 -10.22 3.71
C LEU A 33 12.34 -11.03 4.28
N GLY A 34 13.48 -11.04 3.60
CA GLY A 34 14.65 -11.73 4.09
C GLY A 34 14.58 -13.24 3.89
N ALA A 35 15.59 -13.93 4.41
CA ALA A 35 15.74 -15.36 4.21
C ALA A 35 14.97 -16.20 5.22
N GLN A 36 14.52 -15.63 6.33
CA GLN A 36 13.89 -16.40 7.39
C GLN A 36 12.37 -16.41 7.33
N VAL A 37 11.77 -15.58 6.49
CA VAL A 37 10.34 -15.68 6.21
C VAL A 37 10.14 -16.80 5.20
N LYS A 38 9.30 -17.78 5.55
CA LYS A 38 9.04 -18.94 4.71
C LYS A 38 7.80 -18.79 3.85
N ARG A 39 6.75 -18.18 4.39
CA ARG A 39 5.44 -18.12 3.74
C ARG A 39 4.86 -16.72 3.92
N VAL A 40 4.15 -16.25 2.89
CA VAL A 40 3.51 -14.94 2.90
C VAL A 40 1.99 -15.14 2.90
N LEU A 41 1.29 -14.41 3.75
CA LEU A 41 -0.18 -14.42 3.75
C LEU A 41 -0.68 -13.32 2.81
N PHE A 42 -1.37 -13.73 1.75
CA PHE A 42 -1.86 -12.82 0.72
C PHE A 42 -3.30 -12.43 1.00
N ILE A 43 -3.62 -11.16 0.78
CA ILE A 43 -5.00 -10.70 0.88
C ILE A 43 -5.46 -10.25 -0.50
N PRO A 44 -6.38 -10.99 -1.14
CA PRO A 44 -6.77 -10.70 -2.53
C PRO A 44 -8.06 -9.91 -2.67
N TYR A 45 -8.56 -9.32 -1.58
CA TYR A 45 -9.93 -8.82 -1.52
C TYR A 45 -10.19 -7.70 -2.52
N ALA A 46 -9.13 -7.01 -2.98
CA ALA A 46 -9.32 -5.88 -3.86
C ALA A 46 -9.83 -6.28 -5.24
N LEU A 47 -9.67 -7.54 -5.64
CA LEU A 47 -10.17 -8.01 -6.93
C LEU A 47 -11.29 -9.03 -6.75
N HIS A 48 -12.12 -9.13 -7.79
CA HIS A 48 -13.33 -9.96 -7.73
C HIS A 48 -13.00 -11.45 -7.76
N ASP A 49 -12.10 -11.86 -8.67
CA ASP A 49 -11.76 -13.28 -8.80
C ASP A 49 -10.58 -13.55 -7.88
N ARG A 50 -10.89 -13.88 -6.62
CA ARG A 50 -9.85 -14.09 -5.62
C ARG A 50 -9.02 -15.32 -5.94
N ASP A 51 -9.65 -16.35 -6.53
CA ASP A 51 -8.93 -17.58 -6.86
C ASP A 51 -7.84 -17.30 -7.88
N ALA A 52 -8.17 -16.57 -8.96
CA ALA A 52 -7.19 -16.28 -9.99
C ALA A 52 -6.11 -15.33 -9.48
N TYR A 53 -6.50 -14.38 -8.64
CA TYR A 53 -5.54 -13.45 -8.04
C TYR A 53 -4.52 -14.18 -7.19
N ALA A 54 -4.99 -15.08 -6.31
CA ALA A 54 -4.06 -15.85 -5.47
C ALA A 54 -3.13 -16.72 -6.31
N LYS A 55 -3.65 -17.27 -7.41
CA LYS A 55 -2.81 -18.07 -8.29
C LYS A 55 -1.70 -17.23 -8.90
N THR A 56 -2.01 -15.99 -9.29
CA THR A 56 -1.00 -15.12 -9.87
C THR A 56 0.06 -14.75 -8.86
N ALA A 57 -0.37 -14.32 -7.67
CA ALA A 57 0.57 -13.94 -6.63
C ALA A 57 1.41 -15.14 -6.18
N ARG A 58 0.79 -16.31 -6.07
CA ARG A 58 1.53 -17.50 -5.64
C ARG A 58 2.64 -17.84 -6.62
N GLN A 59 2.37 -17.74 -7.92
CA GLN A 59 3.39 -18.04 -8.93
C GLN A 59 4.61 -17.16 -8.77
N LYS A 60 4.39 -15.86 -8.52
CA LYS A 60 5.50 -14.93 -8.36
C LYS A 60 6.24 -15.16 -7.07
N PHE A 61 5.52 -15.24 -5.95
CA PHE A 61 6.22 -15.41 -4.67
C PHE A 61 6.92 -16.75 -4.58
N GLU A 62 6.37 -17.81 -5.20
CA GLU A 62 7.07 -19.08 -5.23
C GLU A 62 8.33 -18.98 -6.07
N ALA A 63 8.30 -18.22 -7.17
CA ALA A 63 9.49 -17.98 -7.95
C ALA A 63 10.54 -17.23 -7.15
N LEU A 64 10.10 -16.37 -6.24
CA LEU A 64 11.00 -15.63 -5.35
C LEU A 64 11.48 -16.45 -4.18
N GLY A 65 10.93 -17.65 -3.97
CA GLY A 65 11.37 -18.52 -2.90
C GLY A 65 10.46 -18.58 -1.69
N TYR A 66 9.26 -18.04 -1.76
CA TYR A 66 8.32 -17.99 -0.65
C TYR A 66 7.06 -18.79 -0.99
N GLY A 67 6.56 -19.55 -0.03
CA GLY A 67 5.20 -20.05 -0.13
C GLY A 67 4.20 -18.93 0.03
N LEU A 68 2.98 -19.17 -0.45
CA LEU A 68 1.93 -18.15 -0.39
C LEU A 68 0.61 -18.78 0.04
N ASP A 69 0.06 -18.25 1.13
CA ASP A 69 -1.27 -18.61 1.61
C ASP A 69 -2.19 -17.43 1.33
N SER A 70 -3.39 -17.69 0.81
CA SER A 70 -4.35 -16.62 0.61
C SER A 70 -5.40 -16.68 1.72
N VAL A 71 -5.63 -15.54 2.37
CA VAL A 71 -6.55 -15.47 3.49
C VAL A 71 -7.97 -15.84 3.08
N HIS A 72 -8.30 -15.71 1.79
CA HIS A 72 -9.63 -16.09 1.35
C HIS A 72 -9.82 -17.61 1.28
N GLU A 73 -8.76 -18.38 1.41
CA GLU A 73 -8.87 -19.83 1.52
C GLU A 73 -8.77 -20.32 2.95
N SER A 74 -8.60 -19.41 3.90
N SER A 74 -8.62 -19.41 3.90
CA SER A 74 -8.56 -19.81 5.30
CA SER A 74 -8.57 -19.78 5.30
C SER A 74 -9.99 -19.85 5.87
C SER A 74 -9.99 -19.85 5.86
N PRO A 75 -10.31 -20.87 6.67
CA PRO A 75 -11.64 -20.91 7.28
C PRO A 75 -11.80 -19.91 8.42
N ASP A 76 -10.70 -19.41 8.97
CA ASP A 76 -10.73 -18.36 9.99
C ASP A 76 -9.68 -17.34 9.59
N PRO A 77 -10.06 -16.32 8.80
CA PRO A 77 -9.08 -15.30 8.40
C PRO A 77 -8.37 -14.63 9.57
N VAL A 78 -9.08 -14.38 10.67
CA VAL A 78 -8.44 -13.75 11.83
C VAL A 78 -7.31 -14.63 12.34
N ASP A 79 -7.55 -15.93 12.47
CA ASP A 79 -6.51 -16.85 12.91
C ASP A 79 -5.36 -16.89 11.92
N ALA A 80 -5.67 -16.85 10.62
CA ALA A 80 -4.61 -16.83 9.62
C ALA A 80 -3.71 -15.61 9.80
N VAL A 81 -4.30 -14.44 10.03
CA VAL A 81 -3.49 -13.23 10.27
C VAL A 81 -2.66 -13.39 11.54
N LYS A 82 -3.25 -13.96 12.59
CA LYS A 82 -2.51 -14.07 13.86
C LYS A 82 -1.29 -14.98 13.73
N LYS A 83 -1.28 -15.88 12.75
CA LYS A 83 -0.18 -16.82 12.56
C LYS A 83 0.74 -16.43 11.40
N ALA A 84 0.42 -15.37 10.67
CA ALA A 84 1.18 -15.00 9.48
C ALA A 84 2.60 -14.59 9.83
N GLU A 85 3.56 -15.03 9.00
CA GLU A 85 4.95 -14.58 9.09
C GLU A 85 5.17 -13.26 8.36
N ALA A 86 4.29 -12.91 7.44
CA ALA A 86 4.40 -11.75 6.56
C ALA A 86 3.06 -11.60 5.88
N ILE A 87 2.69 -10.35 5.58
CA ILE A 87 1.38 -10.05 5.03
C ILE A 87 1.57 -9.20 3.77
N PHE A 88 0.92 -9.60 2.68
CA PHE A 88 0.95 -8.88 1.41
C PHE A 88 -0.49 -8.58 0.99
N ILE A 89 -0.84 -7.32 0.89
CA ILE A 89 -2.16 -6.91 0.41
C ILE A 89 -1.99 -6.35 -0.98
N GLY A 90 -2.60 -7.01 -1.96
CA GLY A 90 -2.42 -6.63 -3.35
C GLY A 90 -3.40 -5.56 -3.77
N GLY A 91 -3.12 -5.01 -4.94
CA GLY A 91 -3.93 -3.92 -5.45
C GLY A 91 -5.22 -4.38 -6.07
N GLY A 92 -6.04 -3.42 -6.42
CA GLY A 92 -7.36 -3.66 -6.97
C GLY A 92 -8.24 -2.46 -6.63
N ASN A 93 -9.51 -2.72 -6.35
CA ASN A 93 -10.38 -1.62 -5.96
C ASN A 93 -10.28 -1.40 -4.46
N THR A 94 -9.86 -0.19 -4.08
CA THR A 94 -9.55 0.11 -2.69
C THR A 94 -10.80 0.09 -1.81
N PHE A 95 -11.94 0.57 -2.32
CA PHE A 95 -13.17 0.50 -1.54
C PHE A 95 -13.56 -0.96 -1.28
N ARG A 96 -13.50 -1.79 -2.31
CA ARG A 96 -13.83 -3.20 -2.16
C ARG A 96 -12.89 -3.88 -1.17
N LEU A 97 -11.61 -3.56 -1.26
CA LEU A 97 -10.60 -4.09 -0.33
C LEU A 97 -10.89 -3.67 1.10
N LEU A 98 -11.08 -2.37 1.34
CA LEU A 98 -11.28 -1.91 2.72
C LEU A 98 -12.56 -2.46 3.31
N LYS A 99 -13.66 -2.45 2.56
CA LYS A 99 -14.89 -3.04 3.08
C LYS A 99 -14.67 -4.49 3.46
N ALA A 100 -13.91 -5.23 2.66
CA ALA A 100 -13.69 -6.64 2.94
C ALA A 100 -12.78 -6.84 4.15
N LEU A 101 -11.82 -5.94 4.37
CA LEU A 101 -11.03 -6.02 5.60
C LEU A 101 -11.94 -5.84 6.82
N TYR A 102 -12.80 -4.83 6.79
CA TYR A 102 -13.78 -4.66 7.87
C TYR A 102 -14.71 -5.85 7.98
N ASP A 103 -15.23 -6.33 6.84
CA ASP A 103 -16.23 -7.41 6.89
C ASP A 103 -15.64 -8.69 7.49
N ASN A 104 -14.36 -8.95 7.28
CA ASN A 104 -13.70 -10.14 7.80
C ASN A 104 -12.99 -9.89 9.12
N ASP A 105 -13.21 -8.73 9.74
CA ASP A 105 -12.70 -8.42 11.07
C ASP A 105 -11.16 -8.45 11.10
N LEU A 106 -10.55 -7.91 10.05
CA LEU A 106 -9.10 -8.00 9.92
C LEU A 106 -8.38 -6.70 10.22
N ILE A 107 -9.08 -5.58 10.40
CA ILE A 107 -8.39 -4.31 10.65
C ILE A 107 -7.56 -4.40 11.93
N ALA A 108 -8.21 -4.75 13.05
CA ALA A 108 -7.49 -4.83 14.31
C ALA A 108 -6.44 -5.94 14.28
N ALA A 109 -6.78 -7.09 13.71
CA ALA A 109 -5.86 -8.22 13.70
C ALA A 109 -4.59 -7.90 12.92
N ILE A 110 -4.74 -7.28 11.75
CA ILE A 110 -3.57 -6.92 10.96
C ILE A 110 -2.75 -5.83 11.67
N ARG A 111 -3.44 -4.84 12.23
CA ARG A 111 -2.76 -3.78 12.99
C ARG A 111 -1.87 -4.36 14.08
N LYS A 112 -2.41 -5.30 14.85
CA LYS A 112 -1.66 -5.92 15.94
C LYS A 112 -0.46 -6.71 15.41
N ARG A 113 -0.70 -7.48 14.35
CA ARG A 113 0.36 -8.35 13.83
C ARG A 113 1.52 -7.52 13.31
N VAL A 114 1.23 -6.40 12.63
CA VAL A 114 2.27 -5.56 12.06
C VAL A 114 2.92 -4.68 13.12
N LEU A 115 2.11 -3.93 13.87
CA LEU A 115 2.63 -2.87 14.72
C LEU A 115 3.08 -3.36 16.09
N GLU A 116 2.52 -4.45 16.59
CA GLU A 116 2.92 -4.98 17.89
C GLU A 116 3.79 -6.22 17.76
N ASP A 117 3.53 -7.09 16.78
CA ASP A 117 4.31 -8.31 16.62
C ASP A 117 5.44 -8.19 15.62
N GLY A 118 5.58 -7.06 14.93
CA GLY A 118 6.71 -6.86 14.05
C GLY A 118 6.67 -7.63 12.75
N VAL A 119 5.50 -8.09 12.34
CA VAL A 119 5.39 -8.90 11.12
C VAL A 119 5.49 -7.98 9.90
N PRO A 120 6.35 -8.29 8.92
CA PRO A 120 6.51 -7.39 7.76
C PRO A 120 5.24 -7.32 6.94
N TYR A 121 4.96 -6.11 6.44
CA TYR A 121 3.77 -5.82 5.63
C TYR A 121 4.22 -5.28 4.28
N ILE A 122 3.73 -5.90 3.21
CA ILE A 122 3.87 -5.38 1.85
C ILE A 122 2.51 -4.92 1.37
N GLY A 123 2.46 -3.70 0.84
CA GLY A 123 1.29 -3.23 0.13
C GLY A 123 1.66 -2.91 -1.31
N SER A 124 0.75 -3.22 -2.23
CA SER A 124 0.83 -2.73 -3.59
C SER A 124 -0.43 -1.94 -3.91
N SER A 125 -0.26 -0.66 -4.19
CA SER A 125 -1.33 0.20 -4.69
C SER A 125 -2.50 0.24 -3.72
N ALA A 126 -3.63 -0.44 -4.02
CA ALA A 126 -4.73 -0.44 -3.07
C ALA A 126 -4.29 -0.99 -1.72
N GLY A 127 -3.40 -1.98 -1.74
CA GLY A 127 -2.83 -2.49 -0.49
C GLY A 127 -1.95 -1.49 0.21
N THR A 128 -1.38 -0.54 -0.53
CA THR A 128 -0.68 0.57 0.09
C THR A 128 -1.67 1.58 0.67
N ASN A 129 -2.75 1.89 -0.06
CA ASN A 129 -3.77 2.78 0.48
C ASN A 129 -4.25 2.33 1.85
N VAL A 130 -4.63 1.05 2.00
CA VAL A 130 -5.19 0.61 3.26
C VAL A 130 -4.14 0.47 4.35
N ALA A 131 -2.86 0.58 4.02
CA ALA A 131 -1.81 0.67 5.02
C ALA A 131 -1.76 2.04 5.70
N THR A 132 -2.41 3.05 5.12
CA THR A 132 -2.28 4.41 5.61
C THR A 132 -3.40 4.71 6.62
N ILE A 133 -3.43 5.96 7.06
CA ILE A 133 -4.45 6.39 8.02
C ILE A 133 -5.85 6.17 7.47
N SER A 134 -6.04 6.36 6.17
CA SER A 134 -7.38 6.31 5.58
C SER A 134 -7.25 6.22 4.06
N ILE A 135 -8.36 5.88 3.40
CA ILE A 135 -8.32 5.76 1.94
C ILE A 135 -8.88 7.02 1.28
N ASN A 136 -8.81 8.17 1.97
CA ASN A 136 -9.37 9.39 1.41
C ASN A 136 -8.76 9.76 0.07
N THR A 137 -7.51 9.35 -0.18
CA THR A 137 -6.80 9.75 -1.40
C THR A 137 -6.59 8.59 -2.39
N THR A 138 -7.41 7.54 -2.32
CA THR A 138 -7.45 6.55 -3.39
C THR A 138 -7.94 7.19 -4.68
N ASN A 139 -7.57 6.59 -5.82
CA ASN A 139 -8.07 6.99 -7.13
C ASN A 139 -9.29 6.19 -7.57
N ASP A 140 -9.76 5.28 -6.72
CA ASP A 140 -10.68 4.25 -7.15
C ASP A 140 -12.13 4.71 -7.03
N MET A 141 -12.97 4.07 -7.79
CA MET A 141 -14.42 4.29 -7.78
C MET A 141 -15.03 3.66 -6.54
N PRO A 142 -15.98 4.33 -5.90
CA PRO A 142 -16.64 3.73 -4.71
C PRO A 142 -17.70 2.71 -5.10
N ILE A 143 -17.24 1.55 -5.58
CA ILE A 143 -18.16 0.53 -6.09
C ILE A 143 -18.89 -0.17 -4.96
N VAL A 144 -18.35 -0.14 -3.75
CA VAL A 144 -19.05 -0.55 -2.54
C VAL A 144 -18.73 0.48 -1.45
N TYR A 145 -19.43 0.36 -0.33
CA TYR A 145 -19.37 1.34 0.75
C TYR A 145 -18.77 0.68 1.99
N PRO A 146 -17.49 0.91 2.29
CA PRO A 146 -16.96 0.48 3.59
C PRO A 146 -17.57 1.27 4.73
N PRO A 147 -17.57 0.73 5.95
CA PRO A 147 -18.20 1.43 7.08
C PRO A 147 -17.51 2.72 7.48
N SER A 148 -16.31 2.97 6.97
CA SER A 148 -15.47 4.10 7.34
C SER A 148 -14.40 4.19 6.28
N LEU A 149 -13.81 5.37 6.13
CA LEU A 149 -12.63 5.45 5.28
C LEU A 149 -11.35 5.21 6.05
N LYS A 150 -11.44 5.08 7.37
CA LYS A 150 -10.26 4.78 8.18
C LYS A 150 -9.74 3.40 7.82
N ALA A 151 -8.40 3.28 7.75
CA ALA A 151 -7.79 2.03 7.36
C ALA A 151 -6.86 1.51 8.45
N LEU A 152 -5.76 0.86 8.07
CA LEU A 152 -4.91 0.20 9.05
C LEU A 152 -4.09 1.18 9.89
N GLU A 153 -3.86 2.39 9.38
N GLU A 153 -3.80 2.37 9.37
CA GLU A 153 -3.01 3.40 10.03
CA GLU A 153 -3.02 3.40 10.08
C GLU A 153 -1.68 2.78 10.48
C GLU A 153 -1.63 2.88 10.45
N LEU A 154 -1.03 2.09 9.55
CA LEU A 154 0.34 1.66 9.76
C LEU A 154 1.29 2.84 9.63
N VAL A 155 0.89 3.87 8.89
CA VAL A 155 1.52 5.18 8.86
C VAL A 155 0.43 6.22 9.07
N PRO A 156 0.73 7.39 9.61
CA PRO A 156 -0.31 8.38 9.92
C PRO A 156 -0.63 9.36 8.80
N PHE A 157 -0.01 9.24 7.63
CA PHE A 157 -0.27 10.14 6.52
C PHE A 157 -0.99 9.39 5.40
N ASN A 158 -1.44 10.13 4.39
CA ASN A 158 -2.13 9.55 3.26
C ASN A 158 -1.16 9.31 2.12
N ILE A 159 -1.52 8.41 1.22
CA ILE A 159 -0.73 8.13 0.03
C ILE A 159 -1.65 8.19 -1.18
N ASN A 160 -1.17 8.83 -2.25
CA ASN A 160 -1.85 8.71 -3.53
C ASN A 160 -0.98 7.86 -4.44
N PRO A 161 -1.34 6.61 -4.70
CA PRO A 161 -0.55 5.76 -5.59
C PRO A 161 -0.87 6.06 -7.04
N HIS A 162 -0.07 5.48 -7.94
CA HIS A 162 -0.22 5.74 -9.38
C HIS A 162 -0.21 7.24 -9.68
N TYR A 163 0.59 8.00 -8.95
CA TYR A 163 0.44 9.46 -9.07
C TYR A 163 0.75 9.88 -10.49
N LEU A 164 -0.04 10.84 -10.99
CA LEU A 164 -0.06 11.17 -12.41
C LEU A 164 0.11 12.67 -12.58
N ASP A 165 1.16 13.07 -13.30
N ASP A 165 1.15 13.07 -13.31
CA ASP A 165 1.32 14.47 -13.66
CA ASP A 165 1.32 14.46 -13.65
C ASP A 165 0.18 14.90 -14.57
C ASP A 165 0.23 14.92 -14.62
N PRO A 166 -0.16 16.20 -14.59
CA PRO A 166 -1.17 16.68 -15.53
C PRO A 166 -0.73 16.50 -16.99
N ASP A 167 -1.72 16.33 -17.86
CA ASP A 167 -1.50 16.08 -19.28
C ASP A 167 -1.63 17.39 -20.05
N GLY A 168 -0.51 17.91 -20.54
CA GLY A 168 -0.52 19.17 -21.28
C GLY A 168 -1.16 19.08 -22.65
N ASN A 169 -1.17 17.90 -23.26
CA ASN A 169 -1.83 17.71 -24.55
C ASN A 169 -3.34 17.63 -24.43
N SER A 170 -3.87 17.57 -23.21
CA SER A 170 -5.25 17.17 -22.98
C SER A 170 -6.18 18.37 -22.91
N LYS A 171 -7.32 18.25 -23.57
CA LYS A 171 -8.41 19.20 -23.45
C LYS A 171 -9.50 18.70 -22.50
N HIS A 172 -9.29 17.54 -21.87
CA HIS A 172 -10.23 17.04 -20.89
C HIS A 172 -10.37 18.06 -19.76
N MET A 173 -11.60 18.30 -19.32
CA MET A 173 -11.85 19.31 -18.30
C MET A 173 -11.97 18.73 -16.90
N GLY A 174 -11.81 17.42 -16.74
CA GLY A 174 -11.83 16.82 -15.43
C GLY A 174 -10.64 17.24 -14.58
N GLU A 175 -10.76 17.02 -13.27
CA GLU A 175 -9.73 17.45 -12.34
C GLU A 175 -8.43 16.72 -12.60
N THR A 176 -7.32 17.44 -12.46
CA THR A 176 -6.02 16.79 -12.37
C THR A 176 -5.87 16.14 -11.00
N ARG A 177 -4.93 15.21 -10.91
CA ARG A 177 -4.70 14.56 -9.63
C ARG A 177 -4.35 15.60 -8.55
N GLU A 178 -3.49 16.56 -8.89
CA GLU A 178 -3.12 17.59 -7.94
C GLU A 178 -4.35 18.38 -7.50
N GLN A 179 -5.24 18.69 -8.44
CA GLN A 179 -6.44 19.45 -8.08
C GLN A 179 -7.31 18.67 -7.11
N ARG A 180 -7.36 17.34 -7.26
CA ARG A 180 -8.15 16.50 -6.36
C ARG A 180 -7.56 16.50 -4.96
N ILE A 181 -6.23 16.40 -4.86
CA ILE A 181 -5.59 16.39 -3.55
C ILE A 181 -5.72 17.76 -2.88
N THR A 182 -5.60 18.83 -3.67
CA THR A 182 -5.79 20.18 -3.12
C THR A 182 -7.15 20.31 -2.45
N GLN A 183 -8.19 19.71 -3.04
CA GLN A 183 -9.51 19.77 -2.44
C GLN A 183 -9.55 18.99 -1.14
N TYR A 184 -8.89 17.83 -1.11
CA TYR A 184 -8.74 17.11 0.15
C TYR A 184 -8.17 18.02 1.21
N HIS A 185 -7.12 18.78 0.85
CA HIS A 185 -6.42 19.66 1.78
C HIS A 185 -7.18 20.93 2.10
N GLU A 186 -8.42 21.05 1.61
CA GLU A 186 -9.33 22.08 2.09
C GLU A 186 -10.18 21.60 3.26
N GLU A 187 -10.27 20.29 3.48
CA GLU A 187 -11.03 19.71 4.57
C GLU A 187 -10.22 19.79 5.87
N HIS A 188 -10.91 19.64 6.98
CA HIS A 188 -10.34 19.96 8.29
C HIS A 188 -9.34 18.90 8.73
N ASP A 189 -8.18 19.37 9.21
CA ASP A 189 -7.20 18.52 9.91
C ASP A 189 -6.67 17.40 9.02
N THR A 190 -6.51 17.69 7.74
CA THR A 190 -6.07 16.56 6.94
C THR A 190 -4.55 16.43 6.96
N PRO A 191 -4.04 15.20 6.90
CA PRO A 191 -2.59 14.98 7.02
C PRO A 191 -1.89 15.10 5.67
N PRO A 192 -0.55 14.96 5.65
CA PRO A 192 0.17 15.03 4.37
C PRO A 192 -0.26 13.92 3.42
N VAL A 193 -0.12 14.20 2.12
CA VAL A 193 -0.42 13.22 1.08
C VAL A 193 0.83 12.99 0.26
N LEU A 194 1.33 11.75 0.27
CA LEU A 194 2.51 11.37 -0.50
C LEU A 194 2.05 10.79 -1.83
N GLY A 195 2.39 11.47 -2.92
CA GLY A 195 2.10 10.98 -4.25
C GLY A 195 3.22 10.13 -4.79
N LEU A 196 3.04 8.81 -4.75
CA LEU A 196 4.01 7.86 -5.28
C LEU A 196 3.70 7.63 -6.75
N ARG A 197 4.55 8.14 -7.64
CA ARG A 197 4.42 7.81 -9.05
C ARG A 197 4.63 6.32 -9.26
N GLU A 198 4.11 5.82 -10.38
CA GLU A 198 4.40 4.44 -10.73
C GLU A 198 5.89 4.23 -10.87
N GLY A 199 6.40 3.16 -10.27
CA GLY A 199 7.82 2.88 -10.29
C GLY A 199 8.56 3.27 -9.03
N CYS A 200 7.92 3.93 -8.08
CA CYS A 200 8.58 4.21 -6.81
C CYS A 200 7.75 3.67 -5.66
N PHE A 201 8.42 3.43 -4.54
CA PHE A 201 7.81 2.79 -3.38
C PHE A 201 8.50 3.25 -2.11
N LEU A 202 7.84 3.04 -0.99
CA LEU A 202 8.28 3.55 0.31
C LEU A 202 8.64 2.38 1.22
N LEU A 203 9.86 2.40 1.73
CA LEU A 203 10.32 1.44 2.72
C LEU A 203 10.27 2.09 4.09
N VAL A 204 9.57 1.46 5.04
CA VAL A 204 9.43 1.97 6.39
C VAL A 204 10.05 0.97 7.34
N GLU A 205 11.02 1.42 8.14
CA GLU A 205 11.70 0.56 9.10
C GLU A 205 11.72 1.31 10.43
N GLY A 206 10.79 0.96 11.32
CA GLY A 206 10.66 1.69 12.57
C GLY A 206 10.18 3.10 12.33
N ASP A 207 10.99 4.08 12.71
CA ASP A 207 10.68 5.49 12.49
C ASP A 207 11.44 6.07 11.31
N LYS A 208 12.02 5.21 10.47
CA LYS A 208 12.72 5.62 9.26
C LYS A 208 11.84 5.29 8.06
N ALA A 209 11.80 6.20 7.09
CA ALA A 209 11.10 5.99 5.83
C ALA A 209 11.99 6.45 4.69
N THR A 210 12.07 5.64 3.64
CA THR A 210 12.94 5.95 2.50
C THR A 210 12.20 5.72 1.19
N LEU A 211 12.31 6.67 0.27
CA LEU A 211 11.81 6.48 -1.08
C LEU A 211 12.77 5.61 -1.88
N LEU A 212 12.22 4.60 -2.54
CA LEU A 212 12.99 3.70 -3.39
C LEU A 212 12.33 3.65 -4.76
N GLY A 213 13.04 3.06 -5.71
CA GLY A 213 12.56 2.95 -7.07
C GLY A 213 13.33 3.83 -8.03
N ILE A 214 12.69 4.12 -9.17
CA ILE A 214 13.34 4.83 -10.26
C ILE A 214 12.57 6.08 -10.67
N THR A 215 11.49 6.42 -9.97
CA THR A 215 10.70 7.61 -10.27
C THR A 215 10.59 8.49 -9.03
N ARG A 216 10.12 9.72 -9.23
CA ARG A 216 10.01 10.73 -8.19
C ARG A 216 8.67 10.64 -7.47
N ALA A 217 8.66 11.09 -6.22
CA ALA A 217 7.45 11.23 -5.42
C ALA A 217 7.13 12.70 -5.22
N ARG A 218 5.85 13.04 -5.35
CA ARG A 218 5.37 14.40 -5.15
C ARG A 218 4.65 14.46 -3.80
N LEU A 219 5.18 15.27 -2.89
CA LEU A 219 4.63 15.40 -1.54
C LEU A 219 3.71 16.61 -1.46
N PHE A 220 2.50 16.39 -0.96
CA PHE A 220 1.48 17.43 -0.82
C PHE A 220 1.28 17.72 0.66
N LEU A 221 1.62 18.92 1.08
CA LEU A 221 1.40 19.36 2.45
C LEU A 221 0.30 20.41 2.48
N ARG A 222 -0.58 20.31 3.48
CA ARG A 222 -1.72 21.20 3.61
C ARG A 222 -1.30 22.67 3.58
N GLY A 223 -1.78 23.39 2.58
CA GLY A 223 -1.51 24.81 2.45
C GLY A 223 -0.14 25.17 1.91
N LYS A 224 0.64 24.21 1.42
CA LYS A 224 1.99 24.46 0.95
C LYS A 224 2.13 24.07 -0.52
N ASN A 225 3.21 24.56 -1.15
CA ASN A 225 3.52 24.14 -2.51
C ASN A 225 3.99 22.69 -2.52
N PRO A 226 3.53 21.88 -3.48
CA PRO A 226 3.99 20.50 -3.55
C PRO A 226 5.47 20.44 -3.87
N THR A 227 6.15 19.46 -3.28
CA THR A 227 7.58 19.30 -3.44
C THR A 227 7.88 17.94 -4.06
N GLU A 228 8.96 17.89 -4.83
CA GLU A 228 9.34 16.71 -5.59
C GLU A 228 10.59 16.10 -4.99
N HIS A 229 10.64 14.77 -4.94
CA HIS A 229 11.68 14.06 -4.20
C HIS A 229 12.20 12.86 -4.99
N GLU A 230 13.53 12.73 -5.02
CA GLU A 230 14.21 11.72 -5.83
C GLU A 230 14.32 10.40 -5.06
N PRO A 231 14.42 9.27 -5.76
CA PRO A 231 14.68 8.01 -5.07
C PRO A 231 15.86 8.14 -4.13
N GLY A 232 15.75 7.48 -2.98
CA GLY A 232 16.68 7.66 -1.89
C GLY A 232 16.29 8.72 -0.88
N HIS A 233 15.26 9.52 -1.17
CA HIS A 233 14.89 10.62 -0.28
C HIS A 233 14.43 10.11 1.08
N ASP A 234 14.82 10.84 2.13
CA ASP A 234 14.45 10.52 3.51
C ASP A 234 13.09 11.14 3.81
N PHE A 235 12.08 10.29 4.01
CA PHE A 235 10.74 10.73 4.40
C PHE A 235 10.45 10.46 5.87
N SER A 236 11.48 10.24 6.69
CA SER A 236 11.26 9.89 8.09
C SER A 236 10.45 10.95 8.83
N PHE A 237 10.52 12.20 8.39
CA PHE A 237 9.81 13.28 9.07
C PHE A 237 8.31 13.11 9.02
N LEU A 238 7.79 12.29 8.11
CA LEU A 238 6.35 12.03 8.07
C LEU A 238 5.89 11.10 9.19
N LEU A 239 6.81 10.43 9.86
CA LEU A 239 6.51 9.50 10.93
C LEU A 239 6.66 10.17 12.28
N GLY A 240 5.85 9.74 13.25
CA GLY A 240 5.88 10.30 14.59
C GLY A 240 6.92 9.66 15.48
#